data_2JKC
#
_entry.id   2JKC
#
_cell.length_a   68.360
_cell.length_b   68.360
_cell.length_c   276.630
_cell.angle_alpha   90.00
_cell.angle_beta   90.00
_cell.angle_gamma   90.00
#
_symmetry.space_group_name_H-M   'P 43 21 2'
#
loop_
_entity.id
_entity.type
_entity.pdbx_description
1 polymer 'Flavin-dependent tryptophan halogenase PrnA'
2 non-polymer TRYPTOPHAN
3 non-polymer 'FLAVIN-ADENINE DINUCLEOTIDE'
4 non-polymer 'CHLORIDE ION'
5 water water
#
_entity_poly.entity_id   1
_entity_poly.type   'polypeptide(L)'
_entity_poly.pdbx_seq_one_letter_code
;MNKPIKNIVIVGGGTAGWMAASYLVRALQQQANITLIESAAIPRIGVGEATIPSLQKVFFDFLGIPEREWMPQVNGAFKA
AIKFVNWRKSPDPSRDDHFYHLFGNVPNCDGVPLTHYWLRKREQGFQQPMEYACYPQPGALDGKLAPCLSDGTRQMSHAW
HFDAHLVADFLKRWAVERGVNRVVDEVVDVRLNNRGYISNLLTKEGRTLEADLFIDCSGMRGLLINQALKEPFIDMSDYL
LCDSAVASAVPNDDARDGVEPYTSSIAMNSGWTWKIPMLGRFGSGYVFSSHFTSRDQATADFLKLWGLSDNQPLNQIKFR
VGRNKRAWVNNCVSIGLSSCFLEPLDSTGIYFIYAALYQLVKHFPDTSFDPRLSDAFNAEIVHMFDDCRDFVQAHYFTTS
RDDTPFWLANRHDLRLSDAIKEKVQRYKAGLPLTTTSFDDSTYYETFDYEFKNFWLNGNYYCIFAGLGMLPDRSLPLLQH
RPESIEKAEAMFASIRREAERLRTSLPTNYDYLRSLRDGDAGLSRGQRGPKLAAQESL
;
_entity_poly.pdbx_strand_id   A
#
loop_
_chem_comp.id
_chem_comp.type
_chem_comp.name
_chem_comp.formula
CL non-polymer 'CHLORIDE ION' 'Cl -1'
FAD non-polymer 'FLAVIN-ADENINE DINUCLEOTIDE' 'C27 H33 N9 O15 P2'
#
# COMPACT_ATOMS: atom_id res chain seq x y z
N ASN A 2 -21.82 31.42 4.59
CA ASN A 2 -22.38 30.06 4.84
C ASN A 2 -21.97 29.48 6.18
N LYS A 3 -22.87 28.69 6.78
CA LYS A 3 -22.59 28.06 8.06
C LYS A 3 -21.52 26.97 7.87
N PRO A 4 -20.56 26.87 8.81
CA PRO A 4 -19.53 25.83 8.76
C PRO A 4 -20.09 24.45 9.07
N ILE A 5 -19.31 23.40 8.78
CA ILE A 5 -19.67 22.04 9.13
C ILE A 5 -19.59 21.89 10.65
N LYS A 6 -20.72 21.58 11.28
CA LYS A 6 -20.71 21.41 12.73
C LYS A 6 -20.75 19.91 13.10
N ASN A 7 -21.74 19.20 12.56
CA ASN A 7 -21.96 17.82 12.95
C ASN A 7 -21.50 16.80 11.88
N ILE A 8 -20.68 15.87 12.33
CA ILE A 8 -20.09 14.86 11.46
C ILE A 8 -20.43 13.47 12.00
N VAL A 9 -20.97 12.63 11.13
CA VAL A 9 -21.25 11.23 11.45
C VAL A 9 -20.40 10.36 10.56
N ILE A 10 -19.66 9.43 11.16
CA ILE A 10 -18.88 8.45 10.42
C ILE A 10 -19.54 7.08 10.57
N VAL A 11 -19.78 6.38 9.48
CA VAL A 11 -20.28 5.03 9.62
C VAL A 11 -19.13 4.07 9.35
N GLY A 12 -18.84 3.20 10.32
CA GLY A 12 -17.76 2.24 10.14
C GLY A 12 -16.72 2.35 11.24
N GLY A 13 -16.42 1.22 11.88
CA GLY A 13 -15.42 1.17 12.93
C GLY A 13 -14.22 0.30 12.60
N GLY A 14 -13.93 0.12 11.31
CA GLY A 14 -12.68 -0.48 10.86
C GLY A 14 -11.48 0.45 10.94
N THR A 15 -10.42 0.14 10.20
CA THR A 15 -9.23 0.99 10.20
C THR A 15 -9.55 2.38 9.63
N ALA A 16 -10.39 2.42 8.60
CA ALA A 16 -10.81 3.67 7.95
C ALA A 16 -11.61 4.59 8.87
N GLY A 17 -12.65 4.03 9.51
CA GLY A 17 -13.51 4.76 10.44
C GLY A 17 -12.73 5.47 11.53
N TRP A 18 -11.83 4.73 12.18
CA TRP A 18 -11.05 5.32 13.29
C TRP A 18 -9.88 6.20 12.84
N MET A 19 -9.30 5.93 11.66
CA MET A 19 -8.41 6.88 11.01
C MET A 19 -9.18 8.20 10.71
N ALA A 20 -10.40 8.10 10.15
CA ALA A 20 -11.17 9.30 9.81
C ALA A 20 -11.50 10.11 11.06
N ALA A 21 -11.98 9.42 12.09
CA ALA A 21 -12.35 10.05 13.36
C ALA A 21 -11.16 10.78 14.02
N SER A 22 -10.03 10.10 14.13
CA SER A 22 -8.77 10.71 14.60
C SER A 22 -8.32 11.92 13.79
N TYR A 23 -8.22 11.75 12.47
CA TYR A 23 -7.75 12.81 11.59
C TYR A 23 -8.64 14.06 11.65
N LEU A 24 -9.96 13.87 11.67
CA LEU A 24 -10.89 15.00 11.77
C LEU A 24 -10.96 15.64 13.17
N VAL A 25 -10.87 14.83 14.22
CA VAL A 25 -10.68 15.35 15.58
C VAL A 25 -9.48 16.30 15.64
N ARG A 26 -8.41 15.92 14.96
CA ARG A 26 -7.20 16.71 14.93
C ARG A 26 -7.32 17.94 14.02
N ALA A 27 -7.88 17.77 12.83
CA ALA A 27 -7.90 18.83 11.82
C ALA A 27 -8.90 19.95 12.12
N LEU A 28 -10.04 19.60 12.71
CA LEU A 28 -11.07 20.59 12.95
C LEU A 28 -11.01 21.14 14.37
N GLN A 29 -9.83 21.04 14.98
CA GLN A 29 -9.52 21.66 16.29
C GLN A 29 -10.62 21.44 17.33
N GLN A 30 -11.17 20.22 17.34
CA GLN A 30 -12.35 19.85 18.16
C GLN A 30 -13.57 20.78 18.03
N GLN A 31 -13.54 21.68 17.03
CA GLN A 31 -14.66 22.60 16.71
C GLN A 31 -15.76 21.90 15.89
N ALA A 32 -16.05 20.67 16.31
CA ALA A 32 -16.87 19.75 15.54
C ALA A 32 -17.44 18.68 16.45
N ASN A 33 -18.74 18.43 16.31
CA ASN A 33 -19.34 17.26 16.92
C ASN A 33 -19.19 16.03 16.00
N ILE A 34 -18.38 15.07 16.42
CA ILE A 34 -18.10 13.87 15.64
C ILE A 34 -18.66 12.62 16.32
N THR A 35 -19.47 11.88 15.58
CA THR A 35 -20.08 10.64 16.03
C THR A 35 -19.70 9.51 15.06
N LEU A 36 -19.16 8.42 15.59
CA LEU A 36 -18.89 7.25 14.78
C LEU A 36 -19.87 6.16 15.19
N ILE A 37 -20.56 5.58 14.21
CA ILE A 37 -21.42 4.40 14.47
C ILE A 37 -20.80 3.13 13.85
N GLU A 38 -20.78 2.04 14.63
CA GLU A 38 -20.21 0.75 14.20
C GLU A 38 -21.05 -0.45 14.67
N SER A 39 -21.26 -1.41 13.77
CA SER A 39 -22.14 -2.56 14.06
C SER A 39 -21.36 -3.70 14.71
N ALA A 40 -21.90 -4.24 15.81
CA ALA A 40 -21.29 -5.35 16.56
C ALA A 40 -21.45 -6.68 15.81
N ALA A 41 -22.46 -6.73 14.97
CA ALA A 41 -22.76 -7.91 14.18
C ALA A 41 -21.98 -7.97 12.86
N ILE A 42 -21.35 -6.85 12.46
CA ILE A 42 -20.57 -6.81 11.20
C ILE A 42 -19.07 -6.65 11.55
N PRO A 43 -18.26 -7.72 11.32
CA PRO A 43 -16.84 -7.67 11.69
C PRO A 43 -16.03 -6.77 10.76
N ARG A 44 -14.90 -6.30 11.23
CA ARG A 44 -13.91 -5.64 10.39
C ARG A 44 -13.37 -6.64 9.35
N ILE A 45 -12.75 -6.15 8.28
CA ILE A 45 -12.26 -7.06 7.23
C ILE A 45 -11.17 -8.06 7.78
N GLY A 46 -10.39 -7.63 8.78
CA GLY A 46 -9.45 -8.51 9.47
C GLY A 46 -8.01 -8.45 8.99
N VAL A 47 -7.78 -7.70 7.91
CA VAL A 47 -6.48 -7.62 7.23
C VAL A 47 -6.07 -6.17 7.01
N GLY A 48 -4.87 -5.99 6.45
CA GLY A 48 -4.26 -4.68 6.22
C GLY A 48 -3.21 -4.40 7.27
N GLU A 49 -1.99 -4.90 7.03
CA GLU A 49 -0.96 -4.99 8.07
C GLU A 49 0.41 -4.51 7.62
N ALA A 50 0.52 -4.06 6.36
CA ALA A 50 1.79 -3.63 5.79
C ALA A 50 1.61 -2.21 5.22
N THR A 51 2.63 -1.37 5.36
CA THR A 51 2.45 0.05 5.09
C THR A 51 3.65 0.65 4.36
N ILE A 52 3.58 1.96 4.14
CA ILE A 52 4.61 2.73 3.45
C ILE A 52 4.97 3.98 4.29
N PRO A 53 6.17 4.56 4.06
CA PRO A 53 6.74 5.53 5.01
C PRO A 53 5.93 6.80 5.28
N SER A 54 5.06 7.20 4.35
CA SER A 54 4.18 8.34 4.60
C SER A 54 3.12 8.08 5.66
N LEU A 55 2.93 6.84 6.09
CA LEU A 55 2.08 6.59 7.25
C LEU A 55 2.54 7.44 8.45
N GLN A 56 3.83 7.45 8.76
CA GLN A 56 4.34 8.33 9.85
C GLN A 56 4.21 9.84 9.57
N LYS A 57 4.61 10.26 8.37
CA LYS A 57 4.68 11.69 8.12
C LYS A 57 3.29 12.32 7.96
N VAL A 58 2.46 11.73 7.11
CA VAL A 58 1.13 12.28 6.82
C VAL A 58 0.08 12.01 7.93
N PHE A 59 0.11 10.81 8.51
CA PHE A 59 -0.91 10.43 9.49
C PHE A 59 -0.54 10.63 10.95
N PHE A 60 0.43 9.85 11.44
CA PHE A 60 0.71 9.84 12.88
C PHE A 60 1.33 11.16 13.34
N ASP A 61 2.25 11.73 12.55
CA ASP A 61 2.85 13.03 12.93
C ASP A 61 1.73 14.06 13.07
N PHE A 62 0.77 14.04 12.14
CA PHE A 62 -0.40 14.94 12.20
C PHE A 62 -1.14 14.85 13.54
N LEU A 63 -1.35 13.63 14.02
CA LEU A 63 -1.96 13.41 15.33
C LEU A 63 -0.99 13.67 16.50
N GLY A 64 0.30 13.82 16.23
CA GLY A 64 1.30 14.09 17.28
C GLY A 64 1.69 12.83 18.02
N ILE A 65 1.70 11.71 17.29
CA ILE A 65 2.03 10.40 17.84
C ILE A 65 3.30 9.87 17.14
N PRO A 66 4.43 9.83 17.87
CA PRO A 66 5.64 9.28 17.29
C PRO A 66 5.63 7.74 17.25
N GLU A 67 6.47 7.15 16.41
CA GLU A 67 6.60 5.68 16.27
C GLU A 67 6.69 4.98 17.59
N ARG A 68 7.51 5.55 18.49
CA ARG A 68 7.83 4.97 19.80
C ARG A 68 6.60 4.90 20.69
N GLU A 69 5.60 5.72 20.39
CA GLU A 69 4.35 5.70 21.13
C GLU A 69 3.36 4.67 20.57
N TRP A 70 3.08 4.69 19.26
CA TRP A 70 2.12 3.74 18.69
C TRP A 70 2.64 2.30 18.50
N MET A 71 3.87 2.15 18.02
CA MET A 71 4.41 0.81 17.70
C MET A 71 4.20 -0.26 18.77
N PRO A 72 4.62 0.01 20.04
CA PRO A 72 4.49 -1.02 21.08
C PRO A 72 3.05 -1.47 21.33
N GLN A 73 2.09 -0.63 21.00
CA GLN A 73 0.69 -0.93 21.29
C GLN A 73 -0.04 -1.72 20.20
N VAL A 74 0.62 -1.89 19.05
CA VAL A 74 0.03 -2.57 17.88
C VAL A 74 0.84 -3.77 17.37
N ASN A 75 1.79 -4.24 18.20
CA ASN A 75 2.79 -5.25 17.78
C ASN A 75 3.56 -4.84 16.49
N GLY A 76 3.95 -3.56 16.43
CA GLY A 76 4.71 -3.00 15.32
C GLY A 76 6.01 -3.72 15.02
N ALA A 77 6.27 -3.94 13.73
CA ALA A 77 7.58 -4.40 13.21
C ALA A 77 7.97 -3.57 11.99
N PHE A 78 9.15 -3.82 11.43
CA PHE A 78 9.71 -2.99 10.37
C PHE A 78 9.59 -3.59 8.97
N LYS A 79 9.33 -2.71 8.00
CA LYS A 79 9.29 -3.11 6.60
C LYS A 79 10.21 -2.23 5.74
N ALA A 80 11.19 -2.84 5.08
CA ALA A 80 12.13 -2.08 4.27
C ALA A 80 11.87 -2.18 2.78
N ALA A 81 11.02 -3.13 2.38
CA ALA A 81 10.81 -3.45 0.97
C ALA A 81 9.64 -4.41 0.84
N ILE A 82 9.27 -4.69 -0.42
CA ILE A 82 8.57 -5.92 -0.76
C ILE A 82 9.55 -6.77 -1.54
N LYS A 83 9.68 -8.04 -1.11
CA LYS A 83 10.43 -9.04 -1.84
C LYS A 83 9.49 -9.95 -2.65
N PHE A 84 9.70 -9.98 -3.96
CA PHE A 84 8.94 -10.83 -4.87
C PHE A 84 9.65 -12.16 -5.17
N VAL A 85 8.97 -13.27 -4.87
CA VAL A 85 9.54 -14.62 -5.02
C VAL A 85 8.74 -15.42 -6.07
N ASN A 86 9.49 -16.00 -7.02
CA ASN A 86 8.96 -16.88 -8.07
C ASN A 86 8.03 -16.16 -9.05
N TRP A 87 8.25 -14.86 -9.19
CA TRP A 87 7.45 -14.02 -10.07
C TRP A 87 7.94 -13.98 -11.52
N ARG A 88 9.24 -14.17 -11.71
CA ARG A 88 9.92 -13.88 -12.97
C ARG A 88 9.73 -14.96 -14.04
N LYS A 89 9.91 -16.22 -13.64
CA LYS A 89 9.91 -17.37 -14.56
C LYS A 89 9.04 -18.46 -13.98
N SER A 90 8.75 -19.46 -14.81
CA SER A 90 8.15 -20.69 -14.31
C SER A 90 9.05 -21.27 -13.21
N PRO A 91 8.49 -21.45 -12.00
CA PRO A 91 9.22 -21.79 -10.80
C PRO A 91 9.98 -23.10 -10.92
N ASP A 92 11.18 -23.12 -10.36
CA ASP A 92 12.06 -24.27 -10.40
C ASP A 92 12.69 -24.23 -9.02
N PRO A 93 12.42 -25.26 -8.20
CA PRO A 93 12.97 -25.30 -6.85
C PRO A 93 14.51 -25.41 -6.78
N SER A 94 15.17 -25.53 -7.92
CA SER A 94 16.64 -25.54 -7.92
C SER A 94 17.18 -24.13 -8.11
N ARG A 95 16.27 -23.18 -8.32
CA ARG A 95 16.64 -21.79 -8.64
C ARG A 95 16.11 -20.75 -7.63
N ASP A 96 16.89 -19.71 -7.39
CA ASP A 96 16.53 -18.67 -6.46
C ASP A 96 16.01 -17.49 -7.30
N ASP A 97 14.68 -17.36 -7.38
CA ASP A 97 14.03 -16.26 -8.08
C ASP A 97 13.49 -15.25 -7.04
N HIS A 98 14.27 -14.22 -6.74
CA HIS A 98 13.81 -13.17 -5.86
C HIS A 98 14.33 -11.79 -6.29
N PHE A 99 13.52 -10.77 -6.04
CA PHE A 99 13.95 -9.39 -6.19
C PHE A 99 13.25 -8.49 -5.16
N TYR A 100 13.88 -7.38 -4.84
CA TYR A 100 13.33 -6.41 -3.91
C TYR A 100 12.75 -5.21 -4.65
N HIS A 101 11.60 -4.74 -4.16
CA HIS A 101 11.08 -3.43 -4.45
C HIS A 101 11.28 -2.57 -3.19
N LEU A 102 12.21 -1.61 -3.28
CA LEU A 102 12.67 -0.90 -2.08
C LEU A 102 12.08 0.50 -1.87
N PHE A 103 11.95 0.91 -0.60
CA PHE A 103 11.63 2.30 -0.24
C PHE A 103 12.87 3.21 -0.45
N GLY A 104 12.63 4.51 -0.57
CA GLY A 104 13.72 5.45 -0.85
C GLY A 104 14.07 5.57 -2.31
N ASN A 105 15.00 6.47 -2.62
CA ASN A 105 15.25 6.85 -3.99
C ASN A 105 16.67 6.50 -4.41
N VAL A 106 16.81 6.16 -5.69
CA VAL A 106 18.08 5.82 -6.29
C VAL A 106 18.79 7.11 -6.58
N PRO A 107 20.10 7.20 -6.19
CA PRO A 107 20.93 8.40 -6.43
C PRO A 107 21.07 8.72 -7.92
N ASN A 108 21.32 10.00 -8.18
CA ASN A 108 21.65 10.48 -9.52
C ASN A 108 23.13 10.77 -9.67
N CYS A 109 23.63 10.64 -10.90
CA CYS A 109 25.02 10.98 -11.22
C CYS A 109 25.06 11.85 -12.45
N ASP A 110 25.34 13.14 -12.24
CA ASP A 110 25.40 14.13 -13.34
C ASP A 110 24.08 14.15 -14.12
N GLY A 111 22.99 14.22 -13.36
CA GLY A 111 21.66 14.31 -13.91
C GLY A 111 21.02 13.04 -14.44
N VAL A 112 21.67 11.88 -14.28
CA VAL A 112 21.17 10.57 -14.75
C VAL A 112 21.07 9.58 -13.56
N PRO A 113 19.94 8.84 -13.43
CA PRO A 113 19.85 7.84 -12.35
C PRO A 113 20.86 6.70 -12.51
N LEU A 114 21.34 6.18 -11.38
CA LEU A 114 22.30 5.05 -11.35
C LEU A 114 21.80 3.82 -12.09
N THR A 115 20.48 3.65 -12.11
CA THR A 115 19.83 2.56 -12.83
C THR A 115 20.32 2.51 -14.28
N HIS A 116 20.64 3.67 -14.82
CA HIS A 116 20.97 3.83 -16.22
C HIS A 116 22.44 3.54 -16.49
N TYR A 117 23.28 3.88 -15.52
CA TYR A 117 24.67 3.47 -15.52
C TYR A 117 24.81 1.96 -15.26
N TRP A 118 23.92 1.41 -14.43
CA TRP A 118 23.90 -0.02 -14.21
C TRP A 118 23.57 -0.76 -15.52
N LEU A 119 22.58 -0.26 -16.25
CA LEU A 119 22.15 -0.91 -17.49
C LEU A 119 23.24 -0.96 -18.56
N ARG A 120 23.95 0.15 -18.71
CA ARG A 120 25.08 0.22 -19.61
C ARG A 120 26.15 -0.85 -19.26
N LYS A 121 26.38 -1.08 -17.98
CA LYS A 121 27.31 -2.13 -17.51
C LYS A 121 26.79 -3.52 -17.84
N ARG A 122 25.48 -3.70 -17.66
N ARG A 122 25.48 -3.73 -17.63
CA ARG A 122 24.74 -4.92 -17.93
CA ARG A 122 24.81 -4.98 -17.94
C ARG A 122 24.76 -5.33 -19.40
C ARG A 122 24.93 -5.34 -19.43
N GLU A 123 24.82 -4.33 -20.29
CA GLU A 123 25.03 -4.50 -21.74
C GLU A 123 26.40 -5.10 -22.05
N GLN A 124 27.39 -4.71 -21.26
CA GLN A 124 28.75 -5.18 -21.43
C GLN A 124 29.02 -6.50 -20.69
N GLY A 125 27.97 -7.12 -20.13
CA GLY A 125 28.06 -8.45 -19.50
C GLY A 125 28.00 -8.53 -17.97
N PHE A 126 27.96 -7.37 -17.32
CA PHE A 126 27.93 -7.26 -15.86
C PHE A 126 26.72 -7.97 -15.24
N GLN A 127 26.99 -8.80 -14.23
CA GLN A 127 26.04 -9.83 -13.82
C GLN A 127 25.19 -9.49 -12.59
N GLN A 128 25.73 -8.66 -11.69
CA GLN A 128 25.01 -8.29 -10.47
C GLN A 128 23.60 -7.71 -10.78
N PRO A 129 22.53 -8.15 -10.07
CA PRO A 129 21.20 -7.52 -10.18
C PRO A 129 21.15 -6.01 -9.85
N MET A 130 20.27 -5.30 -10.56
CA MET A 130 20.10 -3.86 -10.45
C MET A 130 19.99 -3.39 -9.01
N GLU A 131 19.08 -3.97 -8.22
CA GLU A 131 18.84 -3.41 -6.90
C GLU A 131 20.02 -3.65 -5.93
N TYR A 132 20.77 -4.71 -6.15
CA TYR A 132 22.02 -4.98 -5.40
C TYR A 132 23.17 -4.04 -5.83
N ALA A 133 23.12 -3.52 -7.05
CA ALA A 133 24.10 -2.51 -7.49
C ALA A 133 23.76 -1.11 -6.96
N CYS A 134 22.47 -0.74 -7.02
CA CYS A 134 21.98 0.64 -6.89
C CYS A 134 21.52 1.06 -5.48
N TYR A 135 21.43 0.11 -4.56
CA TYR A 135 20.95 0.35 -3.21
C TYR A 135 21.87 -0.38 -2.25
N PRO A 136 22.14 0.22 -1.07
CA PRO A 136 23.04 -0.42 -0.10
C PRO A 136 22.43 -1.45 0.88
N GLN A 137 21.11 -1.60 0.93
CA GLN A 137 20.50 -2.46 1.96
C GLN A 137 20.05 -3.88 1.57
N PRO A 138 19.89 -4.21 0.26
CA PRO A 138 19.30 -5.56 -0.05
C PRO A 138 19.95 -6.78 0.62
N GLY A 139 21.28 -6.90 0.57
CA GLY A 139 22.00 -7.91 1.37
C GLY A 139 21.69 -7.90 2.87
N ALA A 140 21.49 -6.71 3.45
CA ALA A 140 21.12 -6.60 4.87
C ALA A 140 19.76 -7.21 5.13
N LEU A 141 18.87 -7.07 4.14
CA LEU A 141 17.52 -7.62 4.24
C LEU A 141 17.56 -9.13 4.10
N ASP A 142 18.36 -9.63 3.16
CA ASP A 142 18.72 -11.08 3.14
C ASP A 142 19.17 -11.61 4.51
N GLY A 143 20.02 -10.84 5.20
CA GLY A 143 20.50 -11.20 6.54
C GLY A 143 19.54 -10.92 7.68
N LYS A 144 18.30 -10.52 7.35
CA LYS A 144 17.22 -10.22 8.32
C LYS A 144 17.57 -9.17 9.38
N LEU A 145 18.32 -8.14 8.95
CA LEU A 145 18.81 -7.09 9.84
C LEU A 145 17.79 -5.93 9.99
N ALA A 146 17.84 -5.28 11.15
CA ALA A 146 17.00 -4.12 11.46
C ALA A 146 17.31 -2.90 10.56
N PRO A 147 16.35 -1.95 10.44
CA PRO A 147 16.61 -0.73 9.64
C PRO A 147 17.34 0.37 10.42
N CYS A 148 17.64 0.08 11.69
CA CYS A 148 18.32 1.01 12.58
C CYS A 148 19.51 0.32 13.26
N LEU A 149 20.44 1.15 13.73
CA LEU A 149 21.41 0.73 14.73
C LEU A 149 20.67 0.50 16.05
N SER A 150 21.33 -0.22 16.96
CA SER A 150 20.76 -0.55 18.27
C SER A 150 20.30 0.65 19.11
N ASP A 151 21.01 1.77 18.98
CA ASP A 151 20.69 3.00 19.72
C ASP A 151 19.55 3.80 19.07
N GLY A 152 18.91 3.21 18.05
CA GLY A 152 17.78 3.83 17.37
C GLY A 152 18.04 4.58 16.06
N THR A 153 19.30 4.89 15.76
CA THR A 153 19.67 5.67 14.56
C THR A 153 19.31 4.95 13.24
N ARG A 154 18.44 5.59 12.45
CA ARG A 154 17.94 5.01 11.19
C ARG A 154 19.02 4.90 10.12
N GLN A 155 19.05 3.77 9.41
CA GLN A 155 20.10 3.50 8.43
C GLN A 155 19.57 3.24 7.02
N MET A 156 18.26 3.10 6.89
CA MET A 156 17.64 2.93 5.58
C MET A 156 16.20 3.42 5.70
N SER A 157 15.58 3.77 4.59
CA SER A 157 14.17 4.10 4.60
C SER A 157 13.36 2.85 4.89
N HIS A 158 12.32 3.01 5.69
CA HIS A 158 11.49 1.88 6.06
C HIS A 158 10.09 2.33 6.43
N ALA A 159 9.16 1.38 6.42
CA ALA A 159 7.82 1.57 6.94
C ALA A 159 7.54 0.49 7.98
N TRP A 160 6.28 0.06 8.12
CA TRP A 160 5.88 -0.78 9.27
C TRP A 160 5.00 -1.97 8.88
N HIS A 161 5.09 -3.01 9.70
CA HIS A 161 4.06 -4.04 9.79
C HIS A 161 3.35 -3.88 11.15
N PHE A 162 2.07 -4.24 11.20
CA PHE A 162 1.32 -4.23 12.47
C PHE A 162 0.03 -5.06 12.47
N ASP A 163 -0.50 -5.31 13.66
CA ASP A 163 -1.74 -6.00 13.80
C ASP A 163 -2.90 -5.11 13.42
N ALA A 164 -3.70 -5.55 12.45
CA ALA A 164 -4.85 -4.76 11.96
C ALA A 164 -5.86 -4.38 13.05
N HIS A 165 -6.21 -5.35 13.91
CA HIS A 165 -7.18 -5.08 14.94
C HIS A 165 -6.65 -4.13 16.00
N LEU A 166 -5.37 -4.30 16.34
CA LEU A 166 -4.75 -3.48 17.39
C LEU A 166 -4.62 -2.03 16.98
N VAL A 167 -4.29 -1.77 15.71
CA VAL A 167 -4.21 -0.40 15.20
C VAL A 167 -5.56 0.34 15.31
N ALA A 168 -6.64 -0.33 14.89
CA ALA A 168 -7.98 0.27 14.98
C ALA A 168 -8.38 0.56 16.44
N ASP A 169 -8.10 -0.37 17.34
CA ASP A 169 -8.43 -0.24 18.75
C ASP A 169 -7.62 0.86 19.43
N PHE A 170 -6.32 0.91 19.12
CA PHE A 170 -5.47 2.01 19.51
C PHE A 170 -6.04 3.38 19.10
N LEU A 171 -6.47 3.48 17.83
CA LEU A 171 -7.03 4.72 17.31
C LEU A 171 -8.41 5.04 17.89
N LYS A 172 -9.19 4.01 18.17
CA LYS A 172 -10.44 4.15 18.90
C LYS A 172 -10.25 4.84 20.26
N ARG A 173 -9.28 4.37 21.03
CA ARG A 173 -9.02 4.94 22.34
C ARG A 173 -8.56 6.38 22.25
N TRP A 174 -7.71 6.66 21.26
CA TRP A 174 -7.19 8.01 21.02
C TRP A 174 -8.30 9.00 20.64
N ALA A 175 -9.20 8.59 19.74
CA ALA A 175 -10.28 9.44 19.27
C ALA A 175 -11.37 9.62 20.33
N VAL A 176 -11.78 8.52 20.96
CA VAL A 176 -12.81 8.58 22.03
C VAL A 176 -12.38 9.49 23.20
N GLU A 177 -11.11 9.42 23.58
CA GLU A 177 -10.55 10.26 24.66
C GLU A 177 -10.53 11.76 24.30
N ARG A 178 -10.57 12.07 23.01
CA ARG A 178 -10.63 13.46 22.59
C ARG A 178 -12.02 13.90 22.11
N GLY A 179 -13.04 13.14 22.53
CA GLY A 179 -14.44 13.55 22.42
C GLY A 179 -15.23 13.02 21.22
N VAL A 180 -14.76 11.94 20.59
CA VAL A 180 -15.55 11.29 19.55
C VAL A 180 -16.61 10.44 20.23
N ASN A 181 -17.85 10.57 19.77
CA ASN A 181 -18.98 9.80 20.32
C ASN A 181 -19.13 8.46 19.60
N ARG A 182 -18.83 7.39 20.32
CA ARG A 182 -18.90 6.05 19.76
C ARG A 182 -20.28 5.44 20.00
N VAL A 183 -20.95 5.10 18.91
CA VAL A 183 -22.25 4.43 18.95
C VAL A 183 -22.14 3.00 18.38
N VAL A 184 -22.43 2.02 19.24
CA VAL A 184 -22.51 0.62 18.84
C VAL A 184 -23.96 0.31 18.50
N ASP A 185 -24.24 0.27 17.21
CA ASP A 185 -25.60 0.11 16.69
C ASP A 185 -25.36 -0.09 15.19
N GLU A 186 -26.41 -0.36 14.44
CA GLU A 186 -26.25 -0.72 13.05
C GLU A 186 -27.24 0.11 12.25
N VAL A 187 -26.74 0.80 11.23
CA VAL A 187 -27.60 1.57 10.32
C VAL A 187 -28.41 0.60 9.45
N VAL A 188 -29.73 0.70 9.54
CA VAL A 188 -30.63 -0.15 8.78
C VAL A 188 -31.25 0.57 7.57
N ASP A 189 -31.48 1.89 7.67
CA ASP A 189 -32.01 2.62 6.52
C ASP A 189 -31.38 3.99 6.35
N VAL A 190 -31.33 4.45 5.08
CA VAL A 190 -30.83 5.77 4.78
C VAL A 190 -31.90 6.60 4.07
N ARG A 191 -32.20 7.76 4.65
CA ARG A 191 -33.21 8.69 4.12
C ARG A 191 -32.57 9.86 3.36
N LEU A 192 -32.96 10.01 2.09
CA LEU A 192 -32.53 11.12 1.23
C LEU A 192 -33.68 12.10 1.02
N ASN A 193 -33.37 13.39 1.00
CA ASN A 193 -34.35 14.38 0.55
C ASN A 193 -34.63 14.27 -0.97
N ASN A 194 -35.49 15.13 -1.49
CA ASN A 194 -35.87 15.05 -2.92
C ASN A 194 -34.76 15.51 -3.86
N ARG A 195 -33.89 16.38 -3.35
CA ARG A 195 -32.68 16.81 -4.07
C ARG A 195 -31.55 15.76 -4.04
N GLY A 196 -31.69 14.73 -3.20
CA GLY A 196 -30.77 13.61 -3.21
C GLY A 196 -29.66 13.64 -2.19
N TYR A 197 -29.75 14.56 -1.23
CA TYR A 197 -28.75 14.63 -0.15
C TYR A 197 -29.22 13.73 0.97
N ILE A 198 -28.26 13.11 1.68
CA ILE A 198 -28.59 12.33 2.87
C ILE A 198 -29.19 13.25 3.94
N SER A 199 -30.41 12.94 4.37
N SER A 199 -30.40 12.92 4.38
CA SER A 199 -31.09 13.65 5.45
CA SER A 199 -31.08 13.63 5.44
C SER A 199 -30.74 13.04 6.80
C SER A 199 -30.73 13.04 6.80
N ASN A 200 -30.96 11.73 6.95
CA ASN A 200 -30.70 11.01 8.22
C ASN A 200 -30.44 9.51 8.06
N LEU A 201 -29.90 8.89 9.11
CA LEU A 201 -29.76 7.44 9.19
C LEU A 201 -30.69 6.86 10.24
N LEU A 202 -31.44 5.81 9.87
CA LEU A 202 -32.19 5.03 10.87
C LEU A 202 -31.40 3.77 11.29
N THR A 203 -31.28 3.56 12.60
CA THR A 203 -30.50 2.46 13.14
C THR A 203 -31.40 1.28 13.56
N LYS A 204 -30.79 0.15 13.89
CA LYS A 204 -31.50 -1.06 14.26
C LYS A 204 -32.23 -0.91 15.60
N GLU A 205 -31.66 -0.11 16.48
CA GLU A 205 -32.21 0.13 17.80
C GLU A 205 -33.01 1.44 17.88
N GLY A 206 -33.46 1.95 16.74
CA GLY A 206 -34.41 3.08 16.68
C GLY A 206 -33.89 4.50 16.74
N ARG A 207 -32.56 4.68 16.72
CA ARG A 207 -31.97 6.03 16.64
C ARG A 207 -32.11 6.61 15.22
N THR A 208 -32.29 7.93 15.16
CA THR A 208 -32.22 8.71 13.92
C THR A 208 -31.00 9.63 14.03
N LEU A 209 -30.01 9.39 13.17
CA LEU A 209 -28.79 10.19 13.17
C LEU A 209 -28.84 11.21 12.06
N GLU A 210 -28.51 12.45 12.42
CA GLU A 210 -28.41 13.58 11.49
C GLU A 210 -27.02 14.19 11.56
N ALA A 211 -26.62 14.88 10.51
CA ALA A 211 -25.31 15.55 10.46
C ALA A 211 -25.24 16.51 9.33
N ASP A 212 -24.24 17.39 9.34
CA ASP A 212 -23.92 18.19 8.15
C ASP A 212 -23.09 17.37 7.15
N LEU A 213 -22.13 16.60 7.66
CA LEU A 213 -21.24 15.80 6.83
C LEU A 213 -21.27 14.35 7.24
N PHE A 214 -21.46 13.47 6.25
CA PHE A 214 -21.42 12.02 6.44
C PHE A 214 -20.15 11.43 5.83
N ILE A 215 -19.40 10.66 6.64
CA ILE A 215 -18.27 9.88 6.13
C ILE A 215 -18.64 8.40 6.06
N ASP A 216 -18.63 7.83 4.85
CA ASP A 216 -18.90 6.40 4.64
C ASP A 216 -17.59 5.57 4.81
N CYS A 217 -17.42 5.00 6.00
CA CYS A 217 -16.37 3.99 6.18
C CYS A 217 -16.95 2.59 6.41
N SER A 218 -18.02 2.26 5.68
CA SER A 218 -18.80 1.02 5.88
C SER A 218 -18.22 -0.26 5.24
N GLY A 219 -17.06 -0.14 4.60
CA GLY A 219 -16.41 -1.28 4.00
C GLY A 219 -16.93 -1.47 2.60
N MET A 220 -16.64 -2.64 2.03
CA MET A 220 -17.00 -2.93 0.64
C MET A 220 -18.45 -2.69 0.26
N ARG A 221 -19.38 -2.83 1.21
CA ARG A 221 -20.80 -2.59 0.90
C ARG A 221 -21.11 -1.16 0.48
N GLY A 222 -20.34 -0.18 0.96
CA GLY A 222 -20.60 1.23 0.58
C GLY A 222 -22.05 1.58 0.85
N LEU A 223 -22.46 1.45 2.10
CA LEU A 223 -23.84 1.69 2.53
C LEU A 223 -24.43 3.02 2.09
N LEU A 224 -23.66 4.09 2.25
CA LEU A 224 -24.12 5.43 1.94
C LEU A 224 -23.84 5.76 0.49
N ILE A 225 -22.58 5.63 0.08
CA ILE A 225 -22.15 6.01 -1.27
C ILE A 225 -22.75 5.16 -2.44
N ASN A 226 -22.80 3.84 -2.26
CA ASN A 226 -23.31 2.94 -3.30
C ASN A 226 -24.77 2.58 -3.09
N GLN A 227 -25.14 2.22 -1.87
CA GLN A 227 -26.47 1.66 -1.63
C GLN A 227 -27.54 2.76 -1.55
N ALA A 228 -27.23 3.86 -0.88
CA ALA A 228 -28.20 4.93 -0.75
C ALA A 228 -28.09 5.92 -1.90
N LEU A 229 -26.90 6.46 -2.13
CA LEU A 229 -26.74 7.50 -3.14
C LEU A 229 -26.62 6.94 -4.55
N LYS A 230 -26.47 5.61 -4.70
CA LYS A 230 -26.47 4.91 -6.00
C LYS A 230 -25.30 5.26 -6.93
N GLU A 231 -24.20 5.72 -6.38
CA GLU A 231 -23.01 5.98 -7.17
C GLU A 231 -22.47 4.69 -7.81
N PRO A 232 -22.29 4.69 -9.15
CA PRO A 232 -21.67 3.56 -9.87
C PRO A 232 -20.29 3.17 -9.31
N PHE A 233 -20.05 1.86 -9.20
CA PHE A 233 -18.70 1.33 -8.97
C PHE A 233 -18.21 0.93 -10.33
N ILE A 234 -17.00 1.35 -10.67
CA ILE A 234 -16.37 0.94 -11.92
C ILE A 234 -15.58 -0.33 -11.63
N ASP A 235 -16.18 -1.46 -11.97
CA ASP A 235 -15.51 -2.74 -11.80
C ASP A 235 -14.34 -2.79 -12.79
N MET A 236 -13.16 -3.21 -12.31
CA MET A 236 -11.98 -3.23 -13.18
C MET A 236 -11.36 -4.62 -13.35
N SER A 237 -12.21 -5.64 -13.39
CA SER A 237 -11.77 -7.02 -13.58
C SER A 237 -11.29 -7.29 -15.01
N ASP A 238 -11.50 -6.32 -15.91
CA ASP A 238 -10.81 -6.31 -17.21
C ASP A 238 -9.33 -5.90 -17.12
N TYR A 239 -8.97 -5.13 -16.10
CA TYR A 239 -7.57 -4.76 -15.83
C TYR A 239 -6.76 -5.78 -14.98
N LEU A 240 -7.41 -6.34 -13.96
CA LEU A 240 -6.73 -7.18 -12.98
C LEU A 240 -7.66 -8.35 -12.65
N LEU A 241 -7.11 -9.54 -12.56
CA LEU A 241 -7.92 -10.77 -12.51
C LEU A 241 -8.29 -11.31 -11.13
N CYS A 242 -7.51 -11.02 -10.09
CA CYS A 242 -7.81 -11.64 -8.79
C CYS A 242 -9.10 -11.09 -8.18
N ASP A 243 -9.78 -11.91 -7.37
CA ASP A 243 -11.08 -11.51 -6.79
C ASP A 243 -11.34 -12.08 -5.41
N SER A 244 -10.31 -12.71 -4.81
CA SER A 244 -10.50 -13.46 -3.58
C SER A 244 -9.22 -13.57 -2.79
N ALA A 245 -9.34 -13.91 -1.50
CA ALA A 245 -8.15 -14.23 -0.70
C ALA A 245 -8.50 -15.18 0.41
N VAL A 246 -7.56 -16.07 0.73
CA VAL A 246 -7.67 -16.92 1.92
C VAL A 246 -6.53 -16.55 2.86
N ALA A 247 -6.90 -16.10 4.07
CA ALA A 247 -5.93 -15.43 4.96
C ALA A 247 -5.85 -15.99 6.39
N SER A 248 -4.65 -15.94 6.98
CA SER A 248 -4.47 -16.37 8.35
C SER A 248 -3.23 -15.76 8.99
N ALA A 249 -3.13 -15.85 10.31
CA ALA A 249 -1.89 -15.59 11.05
C ALA A 249 -1.19 -16.90 11.33
N VAL A 250 0.13 -16.94 11.18
CA VAL A 250 0.91 -18.16 11.29
C VAL A 250 2.01 -17.93 12.31
N PRO A 251 2.12 -18.81 13.34
CA PRO A 251 3.20 -18.70 14.31
C PRO A 251 4.60 -18.85 13.69
N ASN A 252 5.56 -18.13 14.24
CA ASN A 252 6.93 -18.14 13.75
C ASN A 252 7.88 -18.44 14.88
N ASP A 253 8.89 -19.25 14.61
CA ASP A 253 9.94 -19.50 15.61
C ASP A 253 10.98 -18.41 15.43
N ASP A 254 10.73 -17.27 16.07
CA ASP A 254 11.59 -16.11 15.89
C ASP A 254 13.03 -16.35 16.33
N ALA A 255 13.21 -17.10 17.42
CA ALA A 255 14.55 -17.38 17.95
C ALA A 255 15.32 -18.30 17.03
N ARG A 256 14.64 -19.28 16.44
CA ARG A 256 15.29 -20.11 15.44
C ARG A 256 15.45 -19.38 14.08
N ASP A 257 14.37 -18.74 13.62
CA ASP A 257 14.30 -18.26 12.22
C ASP A 257 14.47 -16.76 11.96
N GLY A 258 14.47 -15.94 13.01
CA GLY A 258 14.52 -14.48 12.83
C GLY A 258 13.18 -13.88 12.41
N VAL A 259 13.20 -12.59 12.07
CA VAL A 259 12.00 -11.86 11.64
C VAL A 259 12.39 -11.06 10.37
N GLU A 260 11.86 -11.47 9.22
CA GLU A 260 12.14 -10.78 7.96
C GLU A 260 11.64 -9.35 7.99
N PRO A 261 12.56 -8.38 7.78
CA PRO A 261 12.31 -6.93 7.82
C PRO A 261 11.63 -6.43 6.54
N TYR A 262 10.72 -7.25 5.99
CA TYR A 262 10.05 -6.90 4.77
C TYR A 262 8.85 -7.81 4.55
N THR A 263 7.99 -7.38 3.63
CA THR A 263 6.87 -8.18 3.15
C THR A 263 7.32 -9.00 1.96
N SER A 264 6.89 -10.27 1.95
CA SER A 264 7.13 -11.13 0.79
C SER A 264 5.88 -11.23 -0.05
N SER A 265 6.07 -11.36 -1.36
CA SER A 265 5.00 -11.64 -2.31
C SER A 265 5.40 -12.89 -3.13
N ILE A 266 4.81 -14.04 -2.77
CA ILE A 266 5.25 -15.33 -3.29
C ILE A 266 4.24 -15.78 -4.33
N ALA A 267 4.65 -15.77 -5.61
CA ALA A 267 3.72 -16.04 -6.71
C ALA A 267 3.27 -17.50 -6.67
N MET A 268 1.95 -17.70 -6.88
CA MET A 268 1.31 -19.02 -6.82
C MET A 268 0.85 -19.45 -8.22
N ASN A 269 0.08 -20.52 -8.30
CA ASN A 269 -0.49 -20.97 -9.59
C ASN A 269 -1.55 -20.04 -10.16
N SER A 270 -2.38 -19.48 -9.27
CA SER A 270 -3.48 -18.61 -9.70
C SER A 270 -3.61 -17.34 -8.87
N GLY A 271 -2.47 -16.73 -8.55
CA GLY A 271 -2.38 -15.49 -7.77
C GLY A 271 -1.06 -15.44 -7.02
N TRP A 272 -1.05 -14.84 -5.83
CA TRP A 272 0.17 -14.71 -5.06
C TRP A 272 -0.13 -14.65 -3.55
N THR A 273 0.86 -15.01 -2.73
CA THR A 273 0.69 -15.07 -1.27
C THR A 273 1.52 -13.99 -0.56
N TRP A 274 0.88 -13.23 0.33
CA TRP A 274 1.62 -12.27 1.16
C TRP A 274 2.17 -12.90 2.42
N LYS A 275 3.29 -12.36 2.90
CA LYS A 275 3.85 -12.74 4.18
C LYS A 275 4.24 -11.44 4.89
N ILE A 276 3.74 -11.25 6.12
CA ILE A 276 3.92 -9.97 6.86
C ILE A 276 4.44 -10.28 8.26
N PRO A 277 5.78 -10.42 8.40
CA PRO A 277 6.36 -10.75 9.69
C PRO A 277 6.26 -9.66 10.76
N MET A 278 5.98 -10.11 11.98
CA MET A 278 6.11 -9.27 13.17
C MET A 278 6.55 -10.20 14.29
N LEU A 279 6.78 -9.68 15.49
CA LEU A 279 7.20 -10.55 16.60
C LEU A 279 6.18 -11.65 16.87
N GLY A 280 6.67 -12.90 16.89
CA GLY A 280 5.87 -14.08 17.22
C GLY A 280 5.11 -14.79 16.10
N ARG A 281 4.84 -14.08 15.02
CA ARG A 281 3.84 -14.51 14.05
C ARG A 281 4.02 -13.70 12.77
N PHE A 282 3.59 -14.24 11.63
CA PHE A 282 3.33 -13.44 10.42
C PHE A 282 1.89 -13.61 9.91
N GLY A 283 1.32 -12.50 9.42
CA GLY A 283 0.06 -12.50 8.66
C GLY A 283 0.34 -12.97 7.23
N SER A 284 -0.52 -13.82 6.69
CA SER A 284 -0.30 -14.36 5.35
C SER A 284 -1.65 -14.53 4.65
N GLY A 285 -1.64 -14.51 3.34
CA GLY A 285 -2.88 -14.56 2.60
C GLY A 285 -2.56 -14.84 1.16
N TYR A 286 -3.30 -15.78 0.57
CA TYR A 286 -3.17 -16.13 -0.84
C TYR A 286 -4.26 -15.35 -1.55
N VAL A 287 -3.85 -14.35 -2.31
CA VAL A 287 -4.71 -13.55 -3.17
C VAL A 287 -4.90 -14.37 -4.45
N PHE A 288 -6.14 -14.67 -4.82
CA PHE A 288 -6.36 -15.54 -5.96
C PHE A 288 -7.53 -15.11 -6.85
N SER A 289 -7.59 -15.67 -8.05
CA SER A 289 -8.70 -15.45 -8.99
C SER A 289 -9.62 -16.67 -9.04
N SER A 290 -10.92 -16.48 -8.77
CA SER A 290 -11.88 -17.61 -8.75
C SER A 290 -12.15 -18.17 -10.12
N HIS A 291 -11.75 -17.45 -11.16
CA HIS A 291 -11.96 -17.93 -12.53
C HIS A 291 -10.95 -18.98 -12.90
N PHE A 292 -9.87 -19.05 -12.12
CA PHE A 292 -8.74 -19.92 -12.42
C PHE A 292 -8.54 -21.06 -11.41
N THR A 293 -8.99 -20.83 -10.18
CA THR A 293 -8.89 -21.82 -9.12
C THR A 293 -10.11 -21.67 -8.20
N SER A 294 -10.58 -22.78 -7.63
CA SER A 294 -11.64 -22.70 -6.62
C SER A 294 -11.05 -22.23 -5.27
N ARG A 295 -11.91 -21.67 -4.42
CA ARG A 295 -11.55 -21.36 -3.04
C ARG A 295 -11.09 -22.59 -2.29
N ASP A 296 -11.69 -23.75 -2.56
CA ASP A 296 -11.27 -25.01 -1.92
C ASP A 296 -9.81 -25.37 -2.25
N GLN A 297 -9.45 -25.28 -3.52
CA GLN A 297 -8.08 -25.54 -3.98
C GLN A 297 -7.09 -24.50 -3.46
N ALA A 298 -7.46 -23.22 -3.56
CA ALA A 298 -6.61 -22.15 -3.05
C ALA A 298 -6.32 -22.32 -1.55
N THR A 299 -7.33 -22.76 -0.82
CA THR A 299 -7.20 -23.08 0.60
C THR A 299 -6.18 -24.22 0.83
N ALA A 300 -6.30 -25.32 0.07
CA ALA A 300 -5.30 -26.40 0.08
C ALA A 300 -3.87 -25.90 -0.25
N ASP A 301 -3.72 -25.08 -1.29
CA ASP A 301 -2.41 -24.52 -1.68
C ASP A 301 -1.81 -23.67 -0.56
N PHE A 302 -2.66 -22.86 0.07
CA PHE A 302 -2.24 -21.98 1.16
C PHE A 302 -1.74 -22.76 2.37
N LEU A 303 -2.51 -23.76 2.79
CA LEU A 303 -2.13 -24.62 3.92
C LEU A 303 -0.84 -25.36 3.62
N LYS A 304 -0.73 -25.88 2.39
CA LYS A 304 0.45 -26.62 2.01
C LYS A 304 1.73 -25.74 2.06
N LEU A 305 1.66 -24.53 1.50
CA LEU A 305 2.78 -23.59 1.59
C LEU A 305 3.43 -23.47 2.97
N TRP A 306 2.62 -23.38 4.03
CA TRP A 306 3.12 -23.10 5.34
C TRP A 306 3.12 -24.34 6.25
N GLY A 307 2.70 -25.48 5.69
CA GLY A 307 2.51 -26.70 6.48
C GLY A 307 1.48 -26.55 7.61
N LEU A 308 0.35 -25.92 7.30
CA LEU A 308 -0.71 -25.70 8.30
C LEU A 308 -1.69 -26.88 8.35
N SER A 309 -2.48 -26.93 9.42
CA SER A 309 -3.36 -28.05 9.62
C SER A 309 -4.80 -27.81 9.08
N ASP A 310 -5.45 -28.91 8.71
CA ASP A 310 -6.83 -28.96 8.24
C ASP A 310 -7.83 -28.39 9.24
N ASN A 311 -7.35 -28.17 10.47
CA ASN A 311 -8.13 -27.61 11.58
C ASN A 311 -7.95 -26.11 11.80
N GLN A 312 -6.99 -25.53 11.09
CA GLN A 312 -6.61 -24.12 11.22
C GLN A 312 -7.70 -23.19 10.65
N PRO A 313 -8.33 -22.37 11.50
CA PRO A 313 -9.38 -21.48 11.01
C PRO A 313 -8.87 -20.30 10.17
N LEU A 314 -9.68 -19.90 9.19
CA LEU A 314 -9.20 -19.05 8.12
C LEU A 314 -10.12 -17.88 7.92
N ASN A 315 -9.52 -16.76 7.51
CA ASN A 315 -10.21 -15.53 7.11
C ASN A 315 -10.43 -15.59 5.59
N GLN A 316 -11.62 -16.02 5.19
CA GLN A 316 -11.98 -16.13 3.76
C GLN A 316 -12.59 -14.81 3.27
N ILE A 317 -11.93 -14.21 2.28
CA ILE A 317 -12.31 -12.93 1.71
C ILE A 317 -12.66 -13.02 0.21
N LYS A 318 -13.68 -12.27 -0.22
CA LYS A 318 -13.83 -11.95 -1.64
C LYS A 318 -13.82 -10.44 -1.83
N PHE A 319 -13.48 -9.96 -3.02
CA PHE A 319 -13.47 -8.51 -3.25
C PHE A 319 -13.75 -8.14 -4.71
N ARG A 320 -14.15 -6.89 -4.95
CA ARG A 320 -14.21 -6.33 -6.32
C ARG A 320 -13.12 -5.29 -6.56
N VAL A 321 -12.44 -5.41 -7.69
CA VAL A 321 -11.38 -4.49 -8.05
C VAL A 321 -12.01 -3.30 -8.77
N GLY A 322 -11.61 -2.10 -8.36
CA GLY A 322 -12.08 -0.87 -9.00
C GLY A 322 -12.29 0.24 -7.97
N ARG A 323 -13.02 1.28 -8.39
CA ARG A 323 -13.33 2.42 -7.52
C ARG A 323 -14.69 2.99 -7.96
N ASN A 324 -15.31 3.72 -7.03
CA ASN A 324 -16.47 4.53 -7.34
C ASN A 324 -16.15 5.50 -8.46
N LYS A 325 -17.17 5.79 -9.27
CA LYS A 325 -17.08 6.83 -10.26
C LYS A 325 -16.68 8.17 -9.60
N ARG A 326 -17.26 8.42 -8.43
CA ARG A 326 -16.97 9.60 -7.60
C ARG A 326 -16.88 9.18 -6.14
N ALA A 327 -15.83 9.64 -5.47
CA ALA A 327 -15.58 9.31 -4.05
C ALA A 327 -16.47 10.10 -3.09
N TRP A 328 -16.81 11.33 -3.49
CA TRP A 328 -17.57 12.29 -2.71
C TRP A 328 -18.78 12.74 -3.54
N VAL A 329 -19.97 12.46 -3.02
CA VAL A 329 -21.23 12.77 -3.70
C VAL A 329 -22.13 13.47 -2.70
N ASN A 330 -22.62 14.66 -3.07
CA ASN A 330 -23.50 15.44 -2.21
C ASN A 330 -22.86 15.70 -0.84
N ASN A 331 -23.47 15.25 0.25
CA ASN A 331 -22.91 15.48 1.59
C ASN A 331 -22.22 14.24 2.19
N CYS A 332 -21.68 13.40 1.31
CA CYS A 332 -21.10 12.11 1.71
C CYS A 332 -19.77 11.81 1.03
N VAL A 333 -18.74 11.63 1.83
CA VAL A 333 -17.39 11.29 1.38
C VAL A 333 -17.12 9.82 1.76
N SER A 334 -16.85 8.95 0.78
CA SER A 334 -16.40 7.58 1.07
C SER A 334 -14.89 7.53 1.33
N ILE A 335 -14.48 6.72 2.31
CA ILE A 335 -13.08 6.55 2.70
C ILE A 335 -12.87 5.06 3.00
N GLY A 336 -11.80 4.46 2.46
CA GLY A 336 -11.46 3.05 2.71
C GLY A 336 -12.04 2.11 1.67
N LEU A 337 -12.48 0.92 2.11
CA LEU A 337 -13.02 -0.11 1.19
C LEU A 337 -14.36 0.27 0.53
N SER A 338 -15.02 1.29 1.06
CA SER A 338 -16.28 1.80 0.50
C SER A 338 -16.04 2.70 -0.73
N SER A 339 -14.78 3.09 -0.89
CA SER A 339 -14.34 3.98 -1.95
C SER A 339 -13.78 3.18 -3.13
N CYS A 340 -12.90 2.24 -2.84
CA CYS A 340 -12.12 1.56 -3.86
C CYS A 340 -11.44 0.31 -3.30
N PHE A 341 -10.89 -0.52 -4.19
CA PHE A 341 -9.99 -1.59 -3.77
C PHE A 341 -8.96 -1.99 -4.83
N LEU A 342 -7.77 -2.34 -4.34
CA LEU A 342 -6.70 -2.82 -5.17
C LEU A 342 -5.97 -3.88 -4.36
N GLU A 343 -5.71 -5.04 -4.96
CA GLU A 343 -4.94 -6.07 -4.24
C GLU A 343 -3.60 -5.53 -3.68
N PRO A 344 -3.16 -6.04 -2.49
CA PRO A 344 -2.02 -5.44 -1.77
C PRO A 344 -0.63 -5.67 -2.36
N LEU A 345 -0.51 -5.75 -3.69
CA LEU A 345 0.81 -5.97 -4.32
C LEU A 345 1.75 -4.78 -4.04
N ASP A 346 1.13 -3.65 -3.73
CA ASP A 346 1.82 -2.38 -3.61
C ASP A 346 1.66 -1.79 -2.21
N SER A 347 0.95 -2.49 -1.32
CA SER A 347 0.55 -1.99 0.01
C SER A 347 0.09 -0.51 0.05
N THR A 348 -0.99 -0.23 -0.68
CA THR A 348 -1.53 1.14 -0.76
C THR A 348 -2.94 1.34 -0.22
N GLY A 349 -3.58 0.29 0.32
CA GLY A 349 -4.92 0.41 0.87
C GLY A 349 -5.08 1.44 1.98
N ILE A 350 -4.16 1.40 2.94
CA ILE A 350 -4.20 2.31 4.08
C ILE A 350 -3.66 3.69 3.66
N TYR A 351 -2.69 3.70 2.75
CA TYR A 351 -2.29 4.92 2.05
C TYR A 351 -3.49 5.66 1.46
N PHE A 352 -4.39 4.94 0.81
CA PHE A 352 -5.60 5.55 0.24
C PHE A 352 -6.47 6.22 1.31
N ILE A 353 -6.44 5.68 2.53
CA ILE A 353 -7.25 6.25 3.62
C ILE A 353 -6.68 7.60 4.03
N TYR A 354 -5.43 7.64 4.47
CA TYR A 354 -4.88 8.91 4.90
C TYR A 354 -4.65 9.89 3.72
N ALA A 355 -4.44 9.39 2.51
CA ALA A 355 -4.24 10.31 1.37
C ALA A 355 -5.56 11.03 1.09
N ALA A 356 -6.67 10.27 1.10
CA ALA A 356 -8.03 10.85 0.96
C ALA A 356 -8.39 11.80 2.10
N LEU A 357 -7.96 11.49 3.31
CA LEU A 357 -8.26 12.34 4.48
C LEU A 357 -7.52 13.68 4.40
N TYR A 358 -6.24 13.60 4.09
CA TYR A 358 -5.45 14.77 3.71
C TYR A 358 -6.14 15.61 2.61
N GLN A 359 -6.66 14.96 1.56
CA GLN A 359 -7.26 15.68 0.44
C GLN A 359 -8.62 16.26 0.78
N LEU A 360 -9.38 15.58 1.63
CA LEU A 360 -10.67 16.10 2.11
C LEU A 360 -10.48 17.40 2.89
N VAL A 361 -9.47 17.42 3.75
CA VAL A 361 -9.16 18.62 4.55
C VAL A 361 -8.69 19.79 3.67
N LYS A 362 -7.93 19.47 2.62
CA LYS A 362 -7.50 20.45 1.59
C LYS A 362 -8.69 21.02 0.80
N HIS A 363 -9.79 20.26 0.70
CA HIS A 363 -11.00 20.64 -0.04
C HIS A 363 -12.24 20.75 0.87
N PHE A 364 -12.01 21.10 2.14
CA PHE A 364 -13.06 21.04 3.16
C PHE A 364 -14.25 21.96 2.85
N PRO A 365 -15.48 21.44 2.95
CA PRO A 365 -16.66 22.22 2.63
C PRO A 365 -17.24 23.02 3.80
N ASP A 366 -18.19 23.91 3.45
CA ASP A 366 -19.17 24.45 4.39
C ASP A 366 -20.49 23.72 4.12
N THR A 367 -21.55 24.14 4.82
CA THR A 367 -22.85 23.45 4.74
C THR A 367 -23.58 23.62 3.41
N SER A 368 -23.02 24.40 2.50
CA SER A 368 -23.63 24.59 1.19
C SER A 368 -23.07 23.62 0.16
N PHE A 369 -22.04 22.85 0.51
CA PHE A 369 -21.46 21.85 -0.39
C PHE A 369 -21.27 22.32 -1.84
N ASP A 370 -20.45 23.35 -2.01
CA ASP A 370 -20.03 23.83 -3.32
C ASP A 370 -19.50 22.65 -4.16
N PRO A 371 -20.19 22.31 -5.28
CA PRO A 371 -19.76 21.15 -6.11
C PRO A 371 -18.35 21.24 -6.71
N ARG A 372 -17.81 22.46 -6.78
CA ARG A 372 -16.46 22.68 -7.28
C ARG A 372 -15.43 22.11 -6.32
N LEU A 373 -15.75 22.08 -5.02
CA LEU A 373 -14.81 21.48 -4.05
C LEU A 373 -14.77 19.94 -4.15
N SER A 374 -15.94 19.31 -4.24
CA SER A 374 -16.01 17.88 -4.41
C SER A 374 -15.48 17.40 -5.77
N ASP A 375 -15.77 18.17 -6.85
CA ASP A 375 -15.23 17.83 -8.17
C ASP A 375 -13.70 17.76 -8.15
N ALA A 376 -13.07 18.78 -7.57
CA ALA A 376 -11.63 18.88 -7.48
C ALA A 376 -11.02 17.77 -6.61
N PHE A 377 -11.69 17.46 -5.49
CA PHE A 377 -11.35 16.33 -4.63
C PHE A 377 -11.48 15.02 -5.41
N ASN A 378 -12.60 14.85 -6.11
CA ASN A 378 -12.82 13.61 -6.87
C ASN A 378 -11.73 13.30 -7.87
N ALA A 379 -11.30 14.32 -8.61
CA ALA A 379 -10.25 14.23 -9.60
C ALA A 379 -8.86 13.84 -9.03
N GLU A 380 -8.57 14.27 -7.80
CA GLU A 380 -7.34 13.87 -7.10
C GLU A 380 -7.34 12.39 -6.73
N ILE A 381 -8.53 11.88 -6.37
CA ILE A 381 -8.73 10.48 -6.03
C ILE A 381 -8.61 9.54 -7.24
N VAL A 382 -9.23 9.92 -8.36
CA VAL A 382 -9.15 9.21 -9.64
C VAL A 382 -7.67 9.03 -10.06
N HIS A 383 -6.92 10.13 -10.13
CA HIS A 383 -5.50 10.08 -10.47
C HIS A 383 -4.70 9.20 -9.49
N MET A 384 -4.95 9.35 -8.19
CA MET A 384 -4.26 8.57 -7.21
C MET A 384 -4.46 7.06 -7.41
N PHE A 385 -5.73 6.66 -7.55
CA PHE A 385 -6.10 5.26 -7.66
C PHE A 385 -5.61 4.61 -8.95
N ASP A 386 -5.86 5.27 -10.08
CA ASP A 386 -5.66 4.71 -11.42
C ASP A 386 -4.17 4.55 -11.69
N ASP A 387 -3.35 5.47 -11.17
CA ASP A 387 -1.91 5.35 -11.28
C ASP A 387 -1.38 4.16 -10.51
N CYS A 388 -1.95 3.91 -9.33
CA CYS A 388 -1.58 2.75 -8.51
C CYS A 388 -2.06 1.46 -9.17
N ARG A 389 -3.28 1.50 -9.72
CA ARG A 389 -3.84 0.37 -10.44
C ARG A 389 -2.94 -0.05 -11.58
N ASP A 390 -2.47 0.93 -12.35
CA ASP A 390 -1.57 0.70 -13.47
C ASP A 390 -0.23 0.13 -12.98
N PHE A 391 0.27 0.63 -11.84
CA PHE A 391 1.58 0.17 -11.35
C PHE A 391 1.48 -1.28 -10.92
N VAL A 392 0.39 -1.62 -10.23
CA VAL A 392 0.11 -3.02 -9.84
C VAL A 392 0.00 -3.92 -11.08
N GLN A 393 -0.74 -3.48 -12.10
CA GLN A 393 -0.96 -4.26 -13.33
C GLN A 393 0.33 -4.58 -14.13
N ALA A 394 1.30 -3.66 -14.05
CA ALA A 394 2.59 -3.80 -14.68
C ALA A 394 3.39 -4.99 -14.16
N HIS A 395 3.22 -5.40 -12.90
CA HIS A 395 3.85 -6.65 -12.44
C HIS A 395 3.30 -7.84 -13.24
N TYR A 396 2.00 -7.82 -13.50
CA TYR A 396 1.30 -8.90 -14.15
C TYR A 396 1.57 -9.02 -15.67
N PHE A 397 1.58 -7.90 -16.40
CA PHE A 397 1.77 -8.02 -17.85
C PHE A 397 3.24 -8.12 -18.26
N THR A 398 4.15 -7.91 -17.31
CA THR A 398 5.60 -7.98 -17.54
C THR A 398 6.20 -9.36 -17.22
N THR A 399 5.57 -10.10 -16.32
CA THR A 399 6.02 -11.47 -16.00
C THR A 399 6.21 -12.36 -17.26
N SER A 400 7.14 -13.31 -17.17
CA SER A 400 7.36 -14.29 -18.23
C SER A 400 6.75 -15.65 -17.92
N ARG A 401 6.12 -15.79 -16.75
CA ARG A 401 5.46 -17.04 -16.41
C ARG A 401 4.42 -17.43 -17.45
N ASP A 402 4.44 -18.68 -17.87
CA ASP A 402 3.47 -19.22 -18.82
C ASP A 402 3.08 -20.65 -18.42
N ASP A 403 3.35 -21.00 -17.17
CA ASP A 403 3.09 -22.33 -16.63
C ASP A 403 1.63 -22.65 -16.28
N THR A 404 0.75 -21.64 -16.22
CA THR A 404 -0.68 -21.88 -15.93
C THR A 404 -1.59 -20.99 -16.80
N PRO A 405 -2.89 -21.35 -16.92
CA PRO A 405 -3.85 -20.44 -17.58
C PRO A 405 -3.89 -19.03 -16.97
N PHE A 406 -3.83 -18.92 -15.63
CA PHE A 406 -3.75 -17.62 -14.93
C PHE A 406 -2.61 -16.70 -15.41
N TRP A 407 -1.38 -17.24 -15.46
CA TRP A 407 -0.23 -16.46 -15.94
C TRP A 407 -0.31 -16.14 -17.46
N LEU A 408 -0.83 -17.07 -18.25
CA LEU A 408 -1.06 -16.83 -19.70
C LEU A 408 -2.02 -15.68 -19.95
N ALA A 409 -3.15 -15.70 -19.22
CA ALA A 409 -4.16 -14.65 -19.30
C ALA A 409 -3.57 -13.29 -18.93
N ASN A 410 -2.69 -13.28 -17.93
CA ASN A 410 -2.00 -12.05 -17.52
C ASN A 410 -1.05 -11.55 -18.60
N ARG A 411 -0.43 -12.48 -19.30
CA ARG A 411 0.51 -12.11 -20.35
C ARG A 411 -0.20 -11.50 -21.55
N HIS A 412 -1.40 -12.00 -21.87
CA HIS A 412 -2.03 -11.75 -23.17
C HIS A 412 -3.38 -11.04 -23.13
N ASP A 413 -4.14 -11.17 -22.04
CA ASP A 413 -5.59 -10.88 -22.04
C ASP A 413 -6.06 -9.64 -21.24
N LEU A 414 -5.15 -8.88 -20.66
CA LEU A 414 -5.51 -7.68 -19.89
C LEU A 414 -5.73 -6.42 -20.75
N ARG A 415 -6.60 -5.55 -20.24
CA ARG A 415 -6.83 -4.25 -20.82
C ARG A 415 -5.83 -3.29 -20.13
N LEU A 416 -5.02 -2.62 -20.96
CA LEU A 416 -4.02 -1.66 -20.50
C LEU A 416 -4.41 -0.22 -20.80
N SER A 417 -4.24 0.69 -19.82
CA SER A 417 -4.51 2.12 -20.04
C SER A 417 -3.50 2.70 -21.03
N ASP A 418 -3.88 3.78 -21.68
CA ASP A 418 -2.94 4.59 -22.48
C ASP A 418 -1.75 5.08 -21.66
N ALA A 419 -2.00 5.55 -20.44
CA ALA A 419 -0.96 6.03 -19.53
C ALA A 419 0.16 5.01 -19.24
N ILE A 420 -0.20 3.75 -18.93
CA ILE A 420 0.78 2.70 -18.65
C ILE A 420 1.59 2.27 -19.91
N LYS A 421 0.93 2.24 -21.06
CA LYS A 421 1.58 1.90 -22.34
C LYS A 421 2.67 2.90 -22.69
N GLU A 422 2.38 4.17 -22.40
CA GLU A 422 3.26 5.29 -22.66
C GLU A 422 4.47 5.22 -21.77
N LYS A 423 4.24 4.97 -20.47
CA LYS A 423 5.33 4.78 -19.53
C LYS A 423 6.20 3.62 -19.95
N VAL A 424 5.59 2.49 -20.32
CA VAL A 424 6.35 1.30 -20.76
C VAL A 424 7.20 1.59 -22.01
N GLN A 425 6.60 2.31 -22.95
N GLN A 425 6.66 2.33 -22.98
CA GLN A 425 7.25 2.81 -24.17
CA GLN A 425 7.40 2.67 -24.19
C GLN A 425 8.52 3.60 -23.86
C GLN A 425 8.55 3.69 -23.96
N ARG A 426 8.41 4.62 -23.00
CA ARG A 426 9.56 5.44 -22.57
C ARG A 426 10.66 4.59 -21.89
N TYR A 427 10.24 3.68 -21.00
CA TYR A 427 11.16 2.74 -20.35
C TYR A 427 11.97 1.93 -21.38
N LYS A 428 11.26 1.28 -22.30
CA LYS A 428 11.86 0.44 -23.33
C LYS A 428 12.84 1.18 -24.22
N ALA A 429 12.62 2.48 -24.36
CA ALA A 429 13.47 3.34 -25.17
C ALA A 429 14.80 3.63 -24.43
N GLY A 430 14.81 3.43 -23.12
CA GLY A 430 15.99 3.68 -22.31
C GLY A 430 15.86 4.92 -21.43
N LEU A 431 14.71 5.58 -21.52
CA LEU A 431 14.44 6.82 -20.78
C LEU A 431 14.12 6.56 -19.32
N PRO A 432 14.68 7.39 -18.42
CA PRO A 432 14.21 7.32 -17.04
C PRO A 432 12.77 7.79 -16.98
N LEU A 433 11.99 7.19 -16.08
CA LEU A 433 10.67 7.72 -15.79
C LEU A 433 10.92 8.85 -14.78
N THR A 434 9.87 9.37 -14.16
CA THR A 434 10.03 10.52 -13.24
C THR A 434 11.10 10.28 -12.18
N THR A 435 12.03 11.23 -12.08
CA THR A 435 13.04 11.23 -11.03
C THR A 435 13.00 12.46 -10.12
N THR A 436 13.53 12.27 -8.91
CA THR A 436 13.68 13.34 -7.93
C THR A 436 15.17 13.64 -7.62
N SER A 437 15.49 14.89 -7.31
CA SER A 437 16.82 15.22 -6.81
C SER A 437 16.88 15.36 -5.27
N PHE A 438 15.75 15.11 -4.59
CA PHE A 438 15.68 15.16 -3.13
C PHE A 438 16.23 13.90 -2.52
N ASP A 439 16.67 13.98 -1.27
CA ASP A 439 16.98 12.78 -0.55
C ASP A 439 15.68 12.12 -0.03
N ASP A 440 15.81 10.90 0.50
CA ASP A 440 14.68 10.15 1.06
C ASP A 440 13.86 10.96 2.07
N SER A 441 14.54 11.57 3.04
CA SER A 441 13.90 12.36 4.10
C SER A 441 13.03 13.50 3.58
N THR A 442 13.61 14.32 2.69
CA THR A 442 12.87 15.41 2.08
C THR A 442 11.64 14.92 1.31
N TYR A 443 11.83 13.87 0.51
CA TYR A 443 10.76 13.31 -0.29
C TYR A 443 9.63 12.75 0.58
N TYR A 444 10.00 12.03 1.65
CA TYR A 444 9.02 11.47 2.59
C TYR A 444 8.42 12.49 3.54
N GLU A 445 8.83 13.76 3.40
CA GLU A 445 8.35 14.87 4.23
C GLU A 445 7.58 15.92 3.44
N THR A 446 7.59 15.81 2.13
CA THR A 446 6.87 16.75 1.25
C THR A 446 5.68 16.07 0.58
N PHE A 447 4.58 15.91 1.32
CA PHE A 447 3.47 15.10 0.77
C PHE A 447 2.84 15.57 -0.54
N ASP A 448 2.71 16.88 -0.74
CA ASP A 448 2.18 17.41 -2.02
C ASP A 448 3.07 17.01 -3.18
N TYR A 449 4.37 16.84 -2.93
CA TYR A 449 5.28 16.30 -3.93
C TYR A 449 5.09 14.78 -4.11
N GLU A 450 5.31 14.00 -3.05
CA GLU A 450 5.10 12.54 -3.12
C GLU A 450 3.72 12.15 -3.68
N PHE A 451 2.66 12.83 -3.24
CA PHE A 451 1.29 12.56 -3.75
C PHE A 451 1.18 12.56 -5.28
N LYS A 452 1.75 13.56 -5.94
CA LYS A 452 1.69 13.68 -7.42
C LYS A 452 2.79 12.87 -8.10
N ASN A 453 3.92 12.72 -7.41
CA ASN A 453 5.07 11.96 -7.89
C ASN A 453 5.25 10.63 -7.12
N PHE A 454 4.22 9.81 -7.08
CA PHE A 454 4.18 8.66 -6.16
C PHE A 454 5.06 7.48 -6.62
N TRP A 455 5.02 7.22 -7.93
CA TRP A 455 5.83 6.18 -8.50
C TRP A 455 6.95 6.80 -9.30
N LEU A 456 8.20 6.49 -8.91
CA LEU A 456 9.39 7.09 -9.49
C LEU A 456 10.15 6.08 -10.37
N ASN A 457 11.13 6.58 -11.12
CA ASN A 457 12.02 5.71 -11.91
C ASN A 457 12.44 4.42 -11.18
N GLY A 458 12.88 4.56 -9.92
CA GLY A 458 13.38 3.43 -9.14
C GLY A 458 12.33 2.38 -8.82
N ASN A 459 11.08 2.82 -8.67
CA ASN A 459 9.97 1.90 -8.47
C ASN A 459 9.72 1.03 -9.69
N TYR A 460 9.63 1.66 -10.86
CA TYR A 460 9.48 0.94 -12.12
C TYR A 460 10.66 0.06 -12.46
N TYR A 461 11.88 0.57 -12.24
CA TYR A 461 13.07 -0.25 -12.47
C TYR A 461 13.10 -1.50 -11.61
N CYS A 462 12.88 -1.34 -10.29
CA CYS A 462 12.79 -2.51 -9.39
C CYS A 462 11.90 -3.62 -9.92
N ILE A 463 10.69 -3.25 -10.37
CA ILE A 463 9.74 -4.22 -10.85
C ILE A 463 10.15 -4.79 -12.22
N PHE A 464 10.43 -3.90 -13.17
CA PHE A 464 10.76 -4.32 -14.54
C PHE A 464 12.06 -5.13 -14.66
N ALA A 465 13.12 -4.64 -14.03
CA ALA A 465 14.41 -5.32 -14.02
C ALA A 465 14.30 -6.62 -13.21
N GLY A 466 13.53 -6.58 -12.11
CA GLY A 466 13.18 -7.76 -11.33
C GLY A 466 12.56 -8.90 -12.12
N LEU A 467 11.62 -8.56 -13.00
CA LEU A 467 10.92 -9.52 -13.86
C LEU A 467 11.68 -9.83 -15.15
N GLY A 468 12.84 -9.20 -15.34
CA GLY A 468 13.71 -9.51 -16.45
C GLY A 468 13.35 -8.85 -17.77
N MET A 469 12.55 -7.79 -17.71
CA MET A 469 12.33 -6.96 -18.90
C MET A 469 13.17 -5.70 -18.80
N LEU A 470 14.17 -5.59 -19.67
CA LEU A 470 15.02 -4.40 -19.71
C LEU A 470 14.79 -3.57 -20.97
N PRO A 471 15.21 -2.28 -20.97
CA PRO A 471 15.16 -1.44 -22.19
C PRO A 471 15.90 -2.05 -23.38
N ASP A 472 15.56 -1.63 -24.59
CA ASP A 472 16.26 -2.08 -25.78
C ASP A 472 17.75 -1.73 -25.79
N ARG A 473 18.09 -0.69 -25.03
CA ARG A 473 19.27 0.13 -25.25
C ARG A 473 19.56 0.94 -23.99
N SER A 474 20.84 1.10 -23.64
CA SER A 474 21.22 2.13 -22.68
C SER A 474 21.06 3.54 -23.29
N LEU A 475 21.04 4.56 -22.41
CA LEU A 475 20.83 5.97 -22.79
C LEU A 475 21.89 6.47 -23.76
N PRO A 476 21.49 6.84 -24.99
CA PRO A 476 22.50 7.31 -25.95
C PRO A 476 23.47 8.37 -25.41
N LEU A 477 22.97 9.29 -24.59
CA LEU A 477 23.80 10.37 -24.01
C LEU A 477 25.11 9.90 -23.35
N LEU A 478 25.07 8.70 -22.76
CA LEU A 478 26.20 8.19 -21.98
C LEU A 478 27.43 7.91 -22.84
N GLN A 479 27.23 7.70 -24.14
CA GLN A 479 28.35 7.54 -25.09
C GLN A 479 29.15 8.83 -25.31
N HIS A 480 28.61 9.96 -24.84
CA HIS A 480 29.29 11.26 -24.89
C HIS A 480 29.88 11.67 -23.52
N ARG A 481 29.59 10.89 -22.48
CA ARG A 481 29.92 11.24 -21.09
C ARG A 481 30.80 10.20 -20.35
N PRO A 482 32.03 9.93 -20.86
CA PRO A 482 32.90 8.97 -20.16
C PRO A 482 33.29 9.34 -18.73
N GLU A 483 33.52 10.62 -18.45
CA GLU A 483 33.80 11.07 -17.07
C GLU A 483 32.68 10.80 -16.05
N SER A 484 31.44 10.98 -16.49
CA SER A 484 30.24 10.66 -15.68
C SER A 484 30.12 9.16 -15.40
N ILE A 485 30.47 8.33 -16.38
CA ILE A 485 30.47 6.89 -16.23
C ILE A 485 31.47 6.46 -15.15
N GLU A 486 32.63 7.12 -15.12
CA GLU A 486 33.67 6.83 -14.13
C GLU A 486 33.29 7.34 -12.75
N LYS A 487 32.61 8.47 -12.70
CA LYS A 487 32.05 9.02 -11.46
C LYS A 487 30.92 8.16 -10.88
N ALA A 488 30.15 7.53 -11.75
CA ALA A 488 29.12 6.58 -11.36
C ALA A 488 29.74 5.31 -10.77
N GLU A 489 30.87 4.84 -11.31
CA GLU A 489 31.65 3.72 -10.73
C GLU A 489 32.08 4.00 -9.28
N ALA A 490 32.50 5.24 -9.02
CA ALA A 490 32.80 5.69 -7.67
C ALA A 490 31.58 5.59 -6.76
N MET A 491 30.41 5.94 -7.28
CA MET A 491 29.17 5.85 -6.51
C MET A 491 28.79 4.41 -6.24
N PHE A 492 28.97 3.53 -7.22
CA PHE A 492 28.78 2.07 -7.03
C PHE A 492 29.70 1.49 -5.96
N ALA A 493 30.97 1.93 -5.96
CA ALA A 493 31.95 1.62 -4.89
C ALA A 493 31.54 2.11 -3.50
N SER A 494 30.98 3.33 -3.38
CA SER A 494 30.42 3.81 -2.08
C SER A 494 29.28 2.96 -1.52
N ILE A 495 28.34 2.62 -2.38
CA ILE A 495 27.16 1.82 -2.04
C ILE A 495 27.60 0.47 -1.47
N ARG A 496 28.60 -0.11 -2.13
CA ARG A 496 29.20 -1.39 -1.75
C ARG A 496 29.90 -1.30 -0.36
N ARG A 497 30.62 -0.20 -0.11
CA ARG A 497 31.18 0.08 1.23
C ARG A 497 30.13 0.20 2.33
N GLU A 498 29.03 0.92 2.03
CA GLU A 498 27.92 1.07 2.96
C GLU A 498 27.24 -0.28 3.23
N ALA A 499 27.02 -1.08 2.18
CA ALA A 499 26.51 -2.44 2.33
C ALA A 499 27.35 -3.26 3.32
N GLU A 500 28.68 -3.20 3.19
CA GLU A 500 29.59 -3.91 4.10
C GLU A 500 29.53 -3.38 5.53
N ARG A 501 29.45 -2.06 5.68
CA ARG A 501 29.34 -1.45 6.99
C ARG A 501 28.07 -1.90 7.72
N LEU A 502 26.93 -1.81 7.02
CA LEU A 502 25.64 -2.24 7.56
C LEU A 502 25.66 -3.70 7.99
N ARG A 503 26.30 -4.55 7.20
CA ARG A 503 26.44 -5.98 7.52
C ARG A 503 26.99 -6.21 8.95
N THR A 504 28.02 -5.45 9.33
CA THR A 504 28.71 -5.66 10.60
C THR A 504 28.24 -4.71 11.73
N SER A 505 27.31 -3.82 11.39
CA SER A 505 26.84 -2.78 12.29
C SER A 505 25.36 -2.92 12.71
N LEU A 506 24.49 -3.39 11.82
CA LEU A 506 23.07 -3.48 12.15
C LEU A 506 22.83 -4.67 13.09
N PRO A 507 21.94 -4.50 14.08
CA PRO A 507 21.48 -5.67 14.83
C PRO A 507 20.48 -6.43 13.97
N THR A 508 20.19 -7.68 14.33
CA THR A 508 19.15 -8.39 13.62
C THR A 508 17.80 -7.68 13.88
N ASN A 509 16.86 -7.86 12.96
CA ASN A 509 15.51 -7.36 13.16
C ASN A 509 14.90 -7.98 14.43
N TYR A 510 15.04 -9.29 14.58
CA TYR A 510 14.59 -9.98 15.79
C TYR A 510 15.06 -9.33 17.08
N ASP A 511 16.38 -9.32 17.30
CA ASP A 511 16.98 -8.69 18.48
C ASP A 511 16.58 -7.23 18.70
N TYR A 512 16.56 -6.43 17.65
CA TYR A 512 16.16 -5.03 17.76
C TYR A 512 14.71 -4.87 18.24
N LEU A 513 13.81 -5.64 17.62
CA LEU A 513 12.40 -5.68 17.98
C LEU A 513 12.20 -6.08 19.43
N ARG A 514 12.91 -7.12 19.87
CA ARG A 514 12.87 -7.57 21.26
C ARG A 514 13.36 -6.49 22.21
N SER A 515 14.34 -5.72 21.76
CA SER A 515 14.95 -4.68 22.57
C SER A 515 14.00 -3.51 22.77
N LEU A 516 13.15 -3.28 21.76
CA LEU A 516 12.10 -2.26 21.84
C LEU A 516 11.04 -2.77 22.83
N ARG A 517 10.44 -3.91 22.49
CA ARG A 517 9.93 -4.90 23.46
C ARG A 517 8.84 -5.82 22.93
N TRP B . 6.01 6.65 -2.92
CA TRP B . 5.86 5.29 -2.32
C TRP B . 6.85 5.07 -1.18
O TRP B . 8.11 5.08 -1.36
CB TRP B . 6.05 4.23 -3.40
CG TRP B . 5.57 2.89 -2.95
CD1 TRP B . 4.27 2.50 -2.77
CD2 TRP B . 6.38 1.73 -2.66
NE1 TRP B . 4.21 1.20 -2.35
CE2 TRP B . 5.48 0.68 -2.30
CE3 TRP B . 7.76 1.48 -2.68
CZ2 TRP B . 5.93 -0.62 -1.94
CZ3 TRP B . 8.22 0.17 -2.33
CH2 TRP B . 7.30 -0.85 -1.97
OXT TRP B . 6.43 4.91 -0.04
PA FAD C . -13.87 -2.76 7.11
O1A FAD C . -14.67 -3.78 6.32
O2A FAD C . -12.70 -3.31 7.88
O5B FAD C . -14.84 -2.07 8.18
C5B FAD C . -16.22 -1.89 7.89
C4B FAD C . -16.83 -1.26 9.12
O4B FAD C . -18.07 -0.67 8.78
C3B FAD C . -17.09 -2.30 10.20
O3B FAD C . -16.90 -1.71 11.47
C2B FAD C . -18.55 -2.59 9.98
O2B FAD C . -19.13 -3.13 11.14
C1B FAD C . -19.05 -1.19 9.68
N9A FAD C . -20.40 -1.22 9.08
C8A FAD C . -20.71 -1.74 7.84
N7A FAD C . -22.06 -1.60 7.68
C5A FAD C . -22.58 -0.99 8.78
C6A FAD C . -23.89 -0.60 9.11
N6A FAD C . -24.91 -1.07 8.38
N1A FAD C . -24.11 0.01 10.35
C2A FAD C . -23.07 0.25 11.22
N3A FAD C . -21.78 -0.13 10.88
C4A FAD C . -21.54 -0.74 9.67
N1 FAD C . -3.99 -2.44 3.17
C2 FAD C . -2.65 -2.18 3.41
O2 FAD C . -2.27 -1.03 3.67
N3 FAD C . -1.72 -3.21 3.35
C4 FAD C . -2.12 -4.48 3.03
O4 FAD C . -1.26 -5.36 2.97
C4X FAD C . -3.48 -4.74 2.75
N5 FAD C . -3.93 -6.00 2.42
C5X FAD C . -5.25 -6.29 2.15
C6 FAD C . -5.66 -7.58 1.82
C7 FAD C . -7.03 -7.85 1.55
C7M FAD C . -7.47 -9.24 1.16
C8 FAD C . -7.97 -6.81 1.65
C8M FAD C . -9.46 -7.00 1.36
C9 FAD C . -7.52 -5.54 1.98
C9A FAD C . -6.19 -5.27 2.24
N10 FAD C . -5.76 -3.98 2.59
C10 FAD C . -4.42 -3.71 2.82
C1' FAD C . -6.79 -2.88 2.78
C2' FAD C . -7.17 -2.72 4.26
O2' FAD C . -7.66 -3.95 4.77
C3' FAD C . -8.23 -1.61 4.40
O3' FAD C . -7.79 -0.49 3.66
C4' FAD C . -8.51 -1.16 5.85
O4' FAD C . -8.49 -2.26 6.75
C5' FAD C . -9.82 -0.36 6.00
O5' FAD C . -10.99 -1.17 6.01
P FAD C . -12.44 -0.46 6.09
O1P FAD C . -12.62 0.22 7.41
O2P FAD C . -12.70 0.47 4.92
O3P FAD C . -13.51 -1.66 5.98
CL CL D . 13.93 6.58 -7.54
CL CL E . -2.77 -2.77 -0.08
#